data_4OBP
#
_entry.id   4OBP
#
_cell.length_a   80.302
_cell.length_b   88.688
_cell.length_c   91.218
_cell.angle_alpha   90.00
_cell.angle_beta   90.00
_cell.angle_gamma   90.00
#
_symmetry.space_group_name_H-M   'P 21 21 21'
#
loop_
_entity.id
_entity.type
_entity.pdbx_description
1 polymer 'Mitogen-activated protein kinase kinase kinase kinase 4'
2 non-polymer 'MAGNESIUM ION'
3 non-polymer '2-(N-MORPHOLINO)-ETHANESULFONIC ACID'
4 non-polymer 6-(2-fluoropyridin-4-yl)pyrido[3,2-d]pyrimidin-4-amine
5 water water
#
_entity_poly.entity_id   1
_entity_poly.type   'polypeptide(L)'
_entity_poly.pdbx_seq_one_letter_code
;GSANDSPAKSLVDIDLSSLRDPAGIFELVEVVGNGTYGQVYKGRHVKTGQLAAIKVMDVTEDEEEEIKLEINMLKKYSHH
RNIATYYGAFIKKSPPGHDDQLWLVMEFCGAGSITDLVKNTKGNTLKEDWIAYISREILRGLAHLHIHHVIHRDIKGQNV
LLTENAEVKLVDFGVSAQLDRTVGRRNTFIGTPYWMAPEVIACDENPDATYDYRSDLWSCGITAIEMAEGAPPLCDMHPM
RALFLIPRNPPPRLKSKKWSKKFFSFIEGCLVKNYMQRPSTEQLLKHPFIRDQPNERQVRIQLKDHIDRTRKKRGEKDET
EYEYSGSEEGNS
;
_entity_poly.pdbx_strand_id   A,B
#
# COMPACT_ATOMS: atom_id res chain seq x y z
N ILE A 14 8.68 -5.58 -25.53
CA ILE A 14 7.48 -6.42 -25.41
C ILE A 14 6.22 -5.72 -25.95
N ASP A 15 5.20 -6.50 -26.33
CA ASP A 15 3.91 -6.01 -26.81
C ASP A 15 2.75 -6.82 -26.21
N LEU A 16 1.88 -6.12 -25.44
CA LEU A 16 0.72 -6.67 -24.73
C LEU A 16 -0.34 -7.32 -25.64
N SER A 17 -0.37 -6.95 -26.92
CA SER A 17 -1.29 -7.48 -27.91
C SER A 17 -1.09 -8.97 -28.22
N SER A 18 0.16 -9.38 -28.56
CA SER A 18 0.51 -10.75 -28.94
C SER A 18 0.59 -11.78 -27.79
N LEU A 19 0.40 -11.36 -26.52
CA LEU A 19 0.46 -12.26 -25.38
C LEU A 19 -0.72 -13.22 -25.33
N ARG A 20 -0.44 -14.50 -25.02
CA ARG A 20 -1.45 -15.56 -24.96
C ARG A 20 -2.15 -15.63 -23.59
N ASP A 21 -3.28 -16.35 -23.56
CA ASP A 21 -4.07 -16.60 -22.34
C ASP A 21 -3.31 -17.65 -21.50
N PRO A 22 -3.28 -17.55 -20.16
CA PRO A 22 -2.52 -18.54 -19.37
C PRO A 22 -3.21 -19.88 -19.12
N ALA A 23 -4.46 -20.05 -19.60
CA ALA A 23 -5.25 -21.29 -19.41
C ALA A 23 -4.54 -22.50 -19.97
N GLY A 24 -4.35 -23.51 -19.12
CA GLY A 24 -3.64 -24.74 -19.47
C GLY A 24 -2.13 -24.62 -19.51
N ILE A 25 -1.57 -23.44 -19.18
CA ILE A 25 -0.11 -23.20 -19.15
C ILE A 25 0.35 -22.92 -17.72
N PHE A 26 -0.36 -21.99 -17.04
CA PHE A 26 -0.11 -21.64 -15.66
C PHE A 26 -1.42 -21.52 -14.92
N GLU A 27 -1.40 -21.86 -13.65
CA GLU A 27 -2.56 -21.72 -12.79
C GLU A 27 -2.16 -21.13 -11.46
N LEU A 28 -3.10 -20.40 -10.84
CA LEU A 28 -2.87 -19.78 -9.54
C LEU A 28 -3.22 -20.74 -8.44
N VAL A 29 -2.34 -20.85 -7.45
CA VAL A 29 -2.54 -21.73 -6.30
C VAL A 29 -3.11 -20.88 -5.15
N GLU A 30 -2.36 -19.86 -4.69
CA GLU A 30 -2.72 -18.96 -3.58
C GLU A 30 -1.84 -17.71 -3.52
N VAL A 31 -2.33 -16.63 -2.89
CA VAL A 31 -1.56 -15.40 -2.69
C VAL A 31 -0.34 -15.66 -1.79
N VAL A 32 0.80 -15.02 -2.09
CA VAL A 32 2.00 -15.15 -1.28
C VAL A 32 2.31 -13.89 -0.50
N GLY A 33 2.56 -14.07 0.78
CA GLY A 33 2.87 -13.00 1.73
C GLY A 33 1.70 -12.15 2.18
N ASN A 34 0.44 -12.63 1.91
CA ASN A 34 -0.84 -11.97 2.21
C ASN A 34 -0.84 -10.41 2.23
N GLY A 35 -0.61 -9.82 1.07
CA GLY A 35 -0.61 -8.36 0.89
C GLY A 35 0.74 -7.68 0.87
N THR A 36 1.82 -8.33 1.38
CA THR A 36 3.18 -7.78 1.40
C THR A 36 3.57 -7.26 0.01
N TYR A 37 3.21 -8.07 -1.01
CA TYR A 37 3.53 -7.85 -2.41
C TYR A 37 2.31 -7.50 -3.27
N GLY A 38 1.14 -7.47 -2.63
CA GLY A 38 -0.13 -7.22 -3.29
C GLY A 38 -0.59 -8.47 -4.04
N GLN A 39 -1.08 -8.27 -5.28
CA GLN A 39 -1.57 -9.36 -6.13
C GLN A 39 -0.46 -10.31 -6.70
N VAL A 40 0.27 -10.99 -5.79
CA VAL A 40 1.33 -11.93 -6.13
C VAL A 40 0.91 -13.31 -5.65
N TYR A 41 1.02 -14.29 -6.53
CA TYR A 41 0.57 -15.66 -6.25
C TYR A 41 1.62 -16.73 -6.38
N LYS A 42 1.44 -17.81 -5.63
CA LYS A 42 2.17 -19.05 -5.78
C LYS A 42 1.40 -19.68 -6.96
N GLY A 43 2.09 -19.86 -8.07
CA GLY A 43 1.52 -20.42 -9.30
C GLY A 43 2.10 -21.78 -9.60
N ARG A 44 1.59 -22.42 -10.68
CA ARG A 44 2.03 -23.76 -11.06
C ARG A 44 2.02 -23.90 -12.57
N HIS A 45 3.13 -24.43 -13.13
CA HIS A 45 3.22 -24.71 -14.56
C HIS A 45 2.40 -25.99 -14.73
N VAL A 46 1.22 -25.88 -15.35
CA VAL A 46 0.26 -26.96 -15.53
C VAL A 46 0.82 -28.33 -15.92
N LYS A 47 1.56 -28.37 -17.04
CA LYS A 47 2.15 -29.57 -17.58
C LYS A 47 3.21 -30.27 -16.74
N THR A 48 4.03 -29.51 -16.01
CA THR A 48 5.13 -30.08 -15.23
C THR A 48 4.88 -30.09 -13.70
N GLY A 49 3.97 -29.25 -13.23
CA GLY A 49 3.68 -29.11 -11.80
C GLY A 49 4.69 -28.24 -11.04
N GLN A 50 5.71 -27.72 -11.76
CA GLN A 50 6.76 -26.86 -11.22
C GLN A 50 6.15 -25.52 -10.80
N LEU A 51 6.48 -25.06 -9.59
CA LEU A 51 6.00 -23.80 -9.04
C LEU A 51 6.60 -22.59 -9.77
N ALA A 52 5.88 -21.48 -9.75
CA ALA A 52 6.24 -20.20 -10.32
C ALA A 52 5.55 -19.13 -9.48
N ALA A 53 6.16 -17.93 -9.40
CA ALA A 53 5.51 -16.82 -8.72
C ALA A 53 4.85 -16.04 -9.82
N ILE A 54 3.59 -15.66 -9.60
CA ILE A 54 2.83 -14.96 -10.63
C ILE A 54 2.33 -13.63 -10.10
N LYS A 55 2.74 -12.53 -10.75
CA LYS A 55 2.31 -11.19 -10.39
C LYS A 55 1.16 -10.83 -11.32
N VAL A 56 -0.04 -10.65 -10.72
CA VAL A 56 -1.31 -10.37 -11.40
C VAL A 56 -1.66 -8.89 -11.29
N MET A 57 -1.60 -8.18 -12.43
CA MET A 57 -1.87 -6.75 -12.54
C MET A 57 -3.00 -6.51 -13.52
N ASP A 58 -3.91 -5.59 -13.20
CA ASP A 58 -5.00 -5.27 -14.13
C ASP A 58 -4.52 -4.29 -15.19
N VAL A 59 -4.79 -4.60 -16.47
CA VAL A 59 -4.40 -3.77 -17.63
C VAL A 59 -5.36 -2.59 -17.79
N THR A 60 -5.27 -1.62 -16.87
CA THR A 60 -6.06 -0.38 -16.90
C THR A 60 -5.25 0.63 -17.72
N GLU A 61 -5.93 1.60 -18.35
CA GLU A 61 -5.27 2.65 -19.17
C GLU A 61 -4.33 3.55 -18.35
N ASP A 62 -4.67 3.80 -17.07
CA ASP A 62 -3.88 4.60 -16.12
C ASP A 62 -2.54 3.90 -15.82
N GLU A 63 -2.57 2.57 -15.62
CA GLU A 63 -1.39 1.73 -15.35
C GLU A 63 -1.20 0.69 -16.47
N GLU A 64 -0.87 1.15 -17.70
CA GLU A 64 -0.63 0.29 -18.86
C GLU A 64 0.82 0.39 -19.33
N GLU A 65 1.44 1.58 -19.24
CA GLU A 65 2.83 1.83 -19.61
C GLU A 65 3.76 1.35 -18.48
N GLU A 66 3.32 1.54 -17.21
CA GLU A 66 4.00 1.11 -15.97
C GLU A 66 4.06 -0.43 -15.94
N ILE A 67 2.94 -1.07 -16.37
CA ILE A 67 2.73 -2.51 -16.47
C ILE A 67 3.71 -3.15 -17.49
N LYS A 68 3.87 -2.54 -18.69
CA LYS A 68 4.75 -2.97 -19.79
C LYS A 68 6.22 -2.91 -19.35
N LEU A 69 6.57 -1.82 -18.65
CA LEU A 69 7.92 -1.57 -18.16
C LEU A 69 8.39 -2.59 -17.14
N GLU A 70 7.48 -3.09 -16.27
CA GLU A 70 7.84 -4.13 -15.30
C GLU A 70 8.17 -5.45 -16.01
N ILE A 71 7.51 -5.72 -17.18
CA ILE A 71 7.73 -6.92 -18.01
C ILE A 71 9.13 -6.83 -18.63
N ASN A 72 9.40 -5.76 -19.40
CA ASN A 72 10.65 -5.49 -20.10
C ASN A 72 11.89 -5.54 -19.21
N MET A 73 11.81 -4.91 -18.02
CA MET A 73 12.89 -4.85 -17.03
C MET A 73 13.19 -6.25 -16.48
N LEU A 74 12.18 -6.91 -15.87
CA LEU A 74 12.30 -8.25 -15.32
C LEU A 74 12.81 -9.23 -16.37
N LYS A 75 12.36 -9.11 -17.63
CA LYS A 75 12.76 -9.93 -18.77
C LYS A 75 14.26 -9.87 -19.06
N LYS A 76 14.82 -8.65 -19.22
CA LYS A 76 16.24 -8.50 -19.56
C LYS A 76 17.23 -8.54 -18.41
N TYR A 77 16.82 -8.11 -17.21
CA TYR A 77 17.78 -8.02 -16.09
C TYR A 77 17.72 -9.13 -15.04
N SER A 78 17.01 -10.23 -15.35
CA SER A 78 16.85 -11.35 -14.42
C SER A 78 17.75 -12.55 -14.68
N HIS A 79 18.58 -12.48 -15.73
CA HIS A 79 19.52 -13.56 -16.07
C HIS A 79 20.82 -13.42 -15.26
N HIS A 80 20.69 -13.56 -13.95
CA HIS A 80 21.72 -13.51 -12.93
C HIS A 80 21.16 -14.35 -11.80
N ARG A 81 22.01 -15.20 -11.20
CA ARG A 81 21.62 -16.10 -10.11
C ARG A 81 21.05 -15.45 -8.83
N ASN A 82 21.28 -14.13 -8.62
CA ASN A 82 20.80 -13.41 -7.42
C ASN A 82 19.54 -12.56 -7.65
N ILE A 83 18.92 -12.78 -8.79
CA ILE A 83 17.69 -12.12 -9.19
C ILE A 83 16.71 -13.22 -9.63
N ALA A 84 15.48 -13.27 -9.11
CA ALA A 84 14.49 -14.27 -9.52
C ALA A 84 14.19 -14.13 -11.01
N THR A 85 14.37 -15.22 -11.77
CA THR A 85 14.27 -15.29 -13.23
C THR A 85 12.88 -15.11 -13.77
N TYR A 86 12.78 -14.32 -14.86
CA TYR A 86 11.56 -14.09 -15.62
C TYR A 86 11.26 -15.34 -16.47
N TYR A 87 10.03 -15.84 -16.43
CA TYR A 87 9.62 -16.96 -17.28
C TYR A 87 8.83 -16.41 -18.48
N GLY A 88 7.71 -15.73 -18.23
CA GLY A 88 6.87 -15.18 -19.28
C GLY A 88 5.73 -14.28 -18.83
N ALA A 89 5.04 -13.67 -19.81
CA ALA A 89 3.89 -12.78 -19.59
C ALA A 89 2.66 -13.32 -20.30
N PHE A 90 1.49 -13.19 -19.66
CA PHE A 90 0.22 -13.68 -20.18
C PHE A 90 -0.90 -12.70 -19.85
N ILE A 91 -1.95 -12.67 -20.70
CA ILE A 91 -3.13 -11.85 -20.46
C ILE A 91 -4.39 -12.71 -20.42
N LYS A 92 -5.08 -12.70 -19.26
CA LYS A 92 -6.33 -13.39 -19.04
C LYS A 92 -7.46 -12.39 -19.32
N LYS A 93 -8.03 -12.39 -20.55
CA LYS A 93 -9.08 -11.42 -20.91
C LYS A 93 -10.34 -11.62 -20.08
N SER A 94 -10.98 -10.52 -19.61
CA SER A 94 -12.16 -10.61 -18.75
C SER A 94 -13.40 -9.92 -19.34
N ASP A 99 -12.26 -5.93 -17.87
CA ASP A 99 -10.91 -5.50 -17.48
C ASP A 99 -9.87 -6.64 -17.49
N ASP A 100 -9.01 -6.64 -18.53
CA ASP A 100 -7.95 -7.64 -18.76
C ASP A 100 -6.96 -7.76 -17.59
N GLN A 101 -6.50 -9.00 -17.33
CA GLN A 101 -5.56 -9.34 -16.27
C GLN A 101 -4.19 -9.74 -16.84
N LEU A 102 -3.13 -9.02 -16.44
CA LEU A 102 -1.76 -9.34 -16.87
C LEU A 102 -1.13 -10.22 -15.82
N TRP A 103 -0.56 -11.35 -16.25
CA TRP A 103 0.14 -12.31 -15.41
C TRP A 103 1.59 -12.23 -15.77
N LEU A 104 2.42 -12.00 -14.78
CA LEU A 104 3.85 -11.89 -14.94
C LEU A 104 4.43 -13.07 -14.17
N VAL A 105 5.02 -14.01 -14.91
CA VAL A 105 5.48 -15.27 -14.37
C VAL A 105 6.97 -15.31 -14.25
N MET A 106 7.40 -15.71 -13.09
CA MET A 106 8.81 -15.81 -12.77
C MET A 106 9.07 -17.02 -11.89
N GLU A 107 10.35 -17.21 -11.62
CA GLU A 107 10.91 -18.23 -10.77
C GLU A 107 10.33 -18.15 -9.36
N PHE A 108 9.92 -19.31 -8.81
CA PHE A 108 9.37 -19.36 -7.46
C PHE A 108 10.46 -19.61 -6.45
N CYS A 109 10.51 -18.80 -5.38
CA CYS A 109 11.48 -18.96 -4.30
C CYS A 109 10.67 -19.43 -3.07
N GLY A 110 10.69 -20.75 -2.84
CA GLY A 110 9.87 -21.44 -1.84
C GLY A 110 10.21 -21.37 -0.37
N ALA A 111 11.32 -20.72 0.01
CA ALA A 111 11.71 -20.64 1.44
C ALA A 111 11.48 -19.28 2.13
N GLY A 112 10.58 -18.48 1.57
CA GLY A 112 10.23 -17.17 2.10
C GLY A 112 11.27 -16.07 2.01
N SER A 113 10.91 -14.92 2.54
CA SER A 113 11.76 -13.73 2.56
C SER A 113 12.75 -13.72 3.73
N ILE A 114 13.69 -12.77 3.68
CA ILE A 114 14.67 -12.55 4.73
C ILE A 114 13.97 -12.11 6.03
N THR A 115 12.92 -11.27 5.95
CA THR A 115 12.08 -10.78 7.06
C THR A 115 11.47 -11.98 7.79
N ASP A 116 10.90 -12.94 7.02
CA ASP A 116 10.30 -14.17 7.53
C ASP A 116 11.36 -14.98 8.26
N LEU A 117 12.55 -15.13 7.66
CA LEU A 117 13.66 -15.86 8.24
C LEU A 117 14.03 -15.33 9.63
N VAL A 118 14.16 -13.99 9.78
CA VAL A 118 14.50 -13.37 11.04
C VAL A 118 13.38 -13.42 12.10
N LYS A 119 12.12 -13.25 11.69
CA LYS A 119 10.99 -13.35 12.61
C LYS A 119 10.69 -14.79 13.08
N ASN A 120 11.08 -15.79 12.27
CA ASN A 120 10.92 -17.21 12.60
C ASN A 120 12.20 -17.80 13.23
N THR A 121 13.13 -16.93 13.72
CA THR A 121 14.38 -17.34 14.38
C THR A 121 14.25 -17.02 15.88
N LYS A 122 15.00 -17.75 16.75
CA LYS A 122 15.00 -17.49 18.20
C LYS A 122 15.70 -16.16 18.45
N GLY A 123 15.01 -15.28 19.20
CA GLY A 123 15.52 -13.97 19.57
C GLY A 123 15.51 -12.92 18.46
N ASN A 124 14.86 -13.22 17.30
CA ASN A 124 14.75 -12.35 16.13
C ASN A 124 16.10 -11.72 15.74
N THR A 125 17.11 -12.57 15.63
CA THR A 125 18.49 -12.19 15.30
C THR A 125 19.15 -13.31 14.53
N LEU A 126 19.93 -12.96 13.51
CA LEU A 126 20.68 -13.94 12.72
C LEU A 126 22.15 -13.90 13.13
N LYS A 127 22.84 -15.05 13.01
CA LYS A 127 24.28 -15.18 13.26
C LYS A 127 24.99 -14.25 12.29
N GLU A 128 26.05 -13.58 12.75
CA GLU A 128 26.80 -12.64 11.92
C GLU A 128 27.25 -13.18 10.56
N ASP A 129 27.73 -14.43 10.51
CA ASP A 129 28.18 -15.03 9.25
C ASP A 129 27.03 -15.33 8.27
N TRP A 130 25.81 -15.43 8.79
CA TRP A 130 24.61 -15.58 7.95
C TRP A 130 24.34 -14.21 7.28
N ILE A 131 24.48 -13.11 8.06
CA ILE A 131 24.28 -11.73 7.61
C ILE A 131 25.29 -11.41 6.51
N ALA A 132 26.56 -11.86 6.69
CA ALA A 132 27.62 -11.67 5.71
C ALA A 132 27.31 -12.39 4.40
N TYR A 133 26.80 -13.64 4.48
CA TYR A 133 26.43 -14.43 3.31
C TYR A 133 25.28 -13.78 2.54
N ILE A 134 24.19 -13.48 3.23
CA ILE A 134 22.98 -12.86 2.66
C ILE A 134 23.28 -11.48 2.05
N SER A 135 24.01 -10.62 2.79
CA SER A 135 24.36 -9.28 2.33
C SER A 135 25.18 -9.32 1.05
N ARG A 136 26.13 -10.28 0.93
CA ARG A 136 26.95 -10.44 -0.28
C ARG A 136 26.07 -10.82 -1.50
N GLU A 137 25.15 -11.77 -1.31
CA GLU A 137 24.22 -12.20 -2.37
C GLU A 137 23.32 -11.04 -2.81
N ILE A 138 22.90 -10.18 -1.88
CA ILE A 138 22.13 -8.96 -2.19
C ILE A 138 22.98 -8.04 -3.05
N LEU A 139 24.23 -7.79 -2.63
CA LEU A 139 25.14 -6.89 -3.33
C LEU A 139 25.55 -7.42 -4.74
N ARG A 140 25.70 -8.74 -4.88
CA ARG A 140 25.99 -9.35 -6.18
C ARG A 140 24.83 -9.17 -7.16
N GLY A 141 23.59 -9.32 -6.66
CA GLY A 141 22.38 -9.05 -7.42
C GLY A 141 22.30 -7.58 -7.80
N LEU A 142 22.63 -6.67 -6.84
CA LEU A 142 22.67 -5.20 -7.06
C LEU A 142 23.74 -4.78 -8.06
N ALA A 143 24.95 -5.37 -7.96
CA ALA A 143 26.04 -5.09 -8.90
C ALA A 143 25.60 -5.40 -10.34
N HIS A 144 24.87 -6.51 -10.55
CA HIS A 144 24.31 -6.89 -11.84
C HIS A 144 23.33 -5.82 -12.34
N LEU A 145 22.47 -5.32 -11.45
CA LEU A 145 21.50 -4.29 -11.83
C LEU A 145 22.18 -2.97 -12.14
N HIS A 146 23.12 -2.55 -11.26
CA HIS A 146 23.84 -1.29 -11.38
C HIS A 146 24.72 -1.21 -12.61
N ILE A 147 25.35 -2.33 -13.00
CA ILE A 147 26.16 -2.37 -14.22
C ILE A 147 25.31 -2.20 -15.49
N HIS A 148 24.02 -2.60 -15.42
CA HIS A 148 23.04 -2.45 -16.48
C HIS A 148 22.19 -1.18 -16.34
N HIS A 149 22.69 -0.21 -15.52
CA HIS A 149 22.08 1.11 -15.26
C HIS A 149 20.65 1.02 -14.71
N VAL A 150 20.44 0.02 -13.84
CA VAL A 150 19.16 -0.21 -13.18
C VAL A 150 19.35 -0.03 -11.67
N ILE A 151 18.47 0.76 -11.06
CA ILE A 151 18.43 0.99 -9.62
C ILE A 151 17.23 0.17 -9.20
N HIS A 152 17.39 -0.73 -8.21
CA HIS A 152 16.29 -1.56 -7.69
C HIS A 152 15.18 -0.69 -7.09
N ARG A 153 15.54 0.24 -6.18
CA ARG A 153 14.64 1.19 -5.51
C ARG A 153 13.80 0.66 -4.36
N ASP A 154 13.63 -0.67 -4.22
CA ASP A 154 12.82 -1.20 -3.13
C ASP A 154 13.46 -2.37 -2.43
N ILE A 155 14.75 -2.18 -2.08
CA ILE A 155 15.51 -3.18 -1.33
C ILE A 155 15.05 -3.12 0.12
N LYS A 156 14.68 -4.29 0.66
CA LYS A 156 14.18 -4.51 2.02
C LYS A 156 14.15 -6.01 2.20
N GLY A 157 14.03 -6.47 3.44
CA GLY A 157 14.00 -7.90 3.75
C GLY A 157 12.88 -8.66 3.07
N GLN A 158 11.75 -7.98 2.79
CA GLN A 158 10.61 -8.60 2.11
C GLN A 158 10.85 -8.84 0.62
N ASN A 159 11.78 -8.09 0.02
CA ASN A 159 12.10 -8.24 -1.40
C ASN A 159 13.36 -9.06 -1.62
N VAL A 160 13.84 -9.70 -0.56
CA VAL A 160 15.02 -10.58 -0.64
C VAL A 160 14.50 -11.96 -0.23
N LEU A 161 14.45 -12.89 -1.21
CA LEU A 161 13.90 -14.23 -0.97
C LEU A 161 14.91 -15.35 -0.95
N LEU A 162 14.54 -16.44 -0.26
CA LEU A 162 15.34 -17.65 -0.15
C LEU A 162 14.69 -18.79 -0.92
N THR A 163 15.51 -19.65 -1.55
CA THR A 163 15.02 -20.87 -2.23
C THR A 163 15.23 -22.01 -1.21
N GLU A 164 14.69 -23.23 -1.51
CA GLU A 164 14.80 -24.43 -0.68
C GLU A 164 16.27 -24.74 -0.31
N ASN A 165 17.19 -24.53 -1.28
CA ASN A 165 18.62 -24.79 -1.10
C ASN A 165 19.47 -23.59 -0.70
N ALA A 166 18.88 -22.68 0.11
CA ALA A 166 19.51 -21.47 0.68
C ALA A 166 20.12 -20.46 -0.32
N GLU A 167 19.56 -20.41 -1.55
CA GLU A 167 20.02 -19.42 -2.53
C GLU A 167 19.24 -18.14 -2.26
N VAL A 168 19.91 -16.99 -2.42
CA VAL A 168 19.33 -15.67 -2.16
C VAL A 168 19.04 -14.95 -3.48
N LYS A 169 17.78 -14.52 -3.67
CA LYS A 169 17.35 -13.84 -4.91
C LYS A 169 16.56 -12.57 -4.70
N LEU A 170 16.81 -11.56 -5.55
CA LEU A 170 16.09 -10.28 -5.47
C LEU A 170 14.80 -10.30 -6.29
N VAL A 171 13.74 -9.67 -5.78
CA VAL A 171 12.46 -9.55 -6.50
C VAL A 171 11.99 -8.09 -6.54
N ASP A 172 10.95 -7.84 -7.35
CA ASP A 172 10.22 -6.59 -7.51
C ASP A 172 10.92 -5.48 -8.24
N PHE A 173 10.58 -5.37 -9.54
CA PHE A 173 11.04 -4.31 -10.45
C PHE A 173 9.91 -3.28 -10.64
N GLY A 174 8.89 -3.36 -9.77
CA GLY A 174 7.72 -2.51 -9.75
C GLY A 174 8.02 -1.02 -9.65
N VAL A 175 8.96 -0.65 -8.78
CA VAL A 175 9.36 0.75 -8.61
C VAL A 175 10.77 1.03 -9.15
N SER A 176 11.37 0.05 -9.87
CA SER A 176 12.72 0.11 -10.48
C SER A 176 12.90 1.25 -11.47
N ALA A 177 14.10 1.88 -11.44
CA ALA A 177 14.45 3.02 -12.28
C ALA A 177 15.52 2.71 -13.32
N ASN A 187 3.23 3.48 -10.16
CA ASN A 187 3.03 3.72 -8.73
C ASN A 187 2.00 4.81 -8.40
N THR A 188 1.07 4.48 -7.48
CA THR A 188 0.07 5.39 -6.94
C THR A 188 0.16 5.32 -5.43
N PHE A 189 0.63 4.18 -4.90
CA PHE A 189 0.77 3.96 -3.46
C PHE A 189 2.24 3.96 -3.04
N ILE A 190 2.58 4.77 -2.03
CA ILE A 190 3.94 4.80 -1.50
C ILE A 190 3.98 3.63 -0.51
N GLY A 191 5.00 2.80 -0.63
CA GLY A 191 5.17 1.65 0.26
C GLY A 191 5.75 2.01 1.63
N THR A 192 6.42 1.03 2.24
CA THR A 192 7.06 1.19 3.55
C THR A 192 8.30 2.10 3.45
N PRO A 193 8.50 3.05 4.39
CA PRO A 193 9.63 3.99 4.24
C PRO A 193 10.95 3.61 4.93
N TYR A 194 10.93 2.60 5.82
CA TYR A 194 12.07 2.23 6.67
C TYR A 194 13.40 1.94 6.01
N TRP A 195 13.38 1.45 4.78
CA TRP A 195 14.61 1.08 4.07
C TRP A 195 15.04 2.16 3.11
N MET A 196 14.27 3.24 2.98
CA MET A 196 14.53 4.36 2.08
C MET A 196 15.74 5.20 2.52
N ALA A 197 16.62 5.51 1.58
CA ALA A 197 17.81 6.33 1.76
C ALA A 197 17.40 7.81 1.97
N PRO A 198 18.21 8.64 2.68
CA PRO A 198 17.82 10.06 2.89
C PRO A 198 17.53 10.84 1.61
N GLU A 199 18.38 10.63 0.56
CA GLU A 199 18.29 11.32 -0.72
C GLU A 199 17.00 11.03 -1.52
N VAL A 200 16.30 9.93 -1.26
CA VAL A 200 15.06 9.62 -2.01
C VAL A 200 13.83 10.32 -1.38
N ILE A 201 14.01 10.96 -0.22
CA ILE A 201 12.93 11.64 0.51
C ILE A 201 13.09 13.15 0.29
N ALA A 202 12.15 13.73 -0.47
CA ALA A 202 12.19 15.13 -0.81
C ALA A 202 11.88 15.98 0.39
N CYS A 203 12.64 17.06 0.53
CA CYS A 203 12.47 18.07 1.58
C CYS A 203 13.01 19.42 1.06
N ASP A 204 13.01 20.49 1.87
CA ASP A 204 13.43 21.83 1.43
C ASP A 204 14.77 21.94 0.68
N GLU A 205 15.83 21.27 1.12
CA GLU A 205 17.13 21.37 0.44
C GLU A 205 17.34 20.28 -0.62
N ASN A 206 16.32 19.43 -0.81
CA ASN A 206 16.33 18.31 -1.73
C ASN A 206 14.94 18.19 -2.43
N PRO A 207 14.50 19.21 -3.23
CA PRO A 207 13.14 19.15 -3.83
C PRO A 207 12.91 18.07 -4.85
N ASP A 208 13.95 17.76 -5.61
CA ASP A 208 13.90 16.80 -6.69
C ASP A 208 14.25 15.38 -6.26
N ALA A 209 14.53 15.17 -4.94
CA ALA A 209 14.90 13.89 -4.31
C ALA A 209 15.90 13.17 -5.21
N THR A 210 17.00 13.89 -5.52
CA THR A 210 18.05 13.42 -6.41
C THR A 210 18.89 12.32 -5.76
N TYR A 211 19.04 11.21 -6.48
CA TYR A 211 19.71 10.00 -5.99
C TYR A 211 20.34 9.21 -7.16
N ASP A 212 21.10 8.16 -6.82
CA ASP A 212 21.71 7.27 -7.77
C ASP A 212 21.66 5.81 -7.28
N TYR A 213 22.46 4.91 -7.88
CA TYR A 213 22.51 3.48 -7.55
C TYR A 213 22.84 3.24 -6.06
N ARG A 214 23.54 4.20 -5.43
CA ARG A 214 23.97 4.14 -4.04
C ARG A 214 22.81 4.14 -3.04
N SER A 215 21.59 4.55 -3.47
CA SER A 215 20.42 4.50 -2.61
C SER A 215 20.07 3.05 -2.24
N ASP A 216 20.39 2.08 -3.12
CA ASP A 216 20.18 0.64 -2.87
C ASP A 216 21.16 0.12 -1.81
N LEU A 217 22.35 0.75 -1.73
CA LEU A 217 23.39 0.37 -0.77
C LEU A 217 22.99 0.76 0.64
N TRP A 218 22.35 1.94 0.79
CA TRP A 218 21.76 2.36 2.08
C TRP A 218 20.73 1.30 2.47
N SER A 219 19.80 0.96 1.53
CA SER A 219 18.75 -0.06 1.78
C SER A 219 19.31 -1.41 2.19
N CYS A 220 20.42 -1.82 1.58
CA CYS A 220 21.17 -3.03 1.92
C CYS A 220 21.68 -2.97 3.38
N GLY A 221 22.14 -1.79 3.81
CA GLY A 221 22.59 -1.56 5.17
C GLY A 221 21.46 -1.68 6.20
N ILE A 222 20.27 -1.15 5.87
CA ILE A 222 19.07 -1.25 6.71
C ILE A 222 18.63 -2.70 6.76
N THR A 223 18.80 -3.45 5.65
CA THR A 223 18.46 -4.88 5.58
C THR A 223 19.39 -5.70 6.51
N ALA A 224 20.65 -5.28 6.64
CA ALA A 224 21.61 -5.97 7.50
C ALA A 224 21.28 -5.69 8.96
N ILE A 225 20.79 -4.49 9.28
CA ILE A 225 20.33 -4.16 10.64
C ILE A 225 19.09 -5.01 10.96
N GLU A 226 18.16 -5.11 9.99
CA GLU A 226 16.95 -5.89 10.09
C GLU A 226 17.26 -7.37 10.41
N MET A 227 18.31 -7.94 9.80
CA MET A 227 18.75 -9.33 10.05
C MET A 227 19.37 -9.46 11.45
N ALA A 228 20.06 -8.40 11.89
CA ALA A 228 20.72 -8.38 13.20
C ALA A 228 19.76 -8.14 14.38
N GLU A 229 18.69 -7.35 14.16
CA GLU A 229 17.77 -6.95 15.21
C GLU A 229 16.34 -7.40 15.04
N GLY A 230 16.00 -7.89 13.85
CA GLY A 230 14.66 -8.38 13.56
C GLY A 230 13.70 -7.32 13.03
N ALA A 231 14.17 -6.07 12.94
CA ALA A 231 13.37 -4.95 12.46
C ALA A 231 14.30 -3.82 12.02
N PRO A 232 13.86 -2.98 11.04
CA PRO A 232 14.70 -1.85 10.62
C PRO A 232 14.72 -0.77 11.69
N PRO A 233 15.69 0.16 11.69
CA PRO A 233 15.63 1.28 12.64
C PRO A 233 14.35 2.09 12.41
N LEU A 234 13.84 2.76 13.48
CA LEU A 234 12.60 3.56 13.45
C LEU A 234 11.33 2.73 13.24
N CYS A 235 11.40 1.38 13.43
CA CYS A 235 10.27 0.44 13.30
C CYS A 235 9.09 0.80 14.19
N ASP A 236 9.38 1.39 15.35
CA ASP A 236 8.41 1.82 16.34
C ASP A 236 7.78 3.17 16.06
N MET A 237 8.18 3.82 14.95
CA MET A 237 7.61 5.12 14.57
C MET A 237 6.50 4.89 13.58
N HIS A 238 5.58 5.85 13.50
CA HIS A 238 4.54 5.90 12.48
C HIS A 238 5.34 6.08 11.13
N PRO A 239 4.98 5.38 10.04
CA PRO A 239 5.75 5.52 8.80
C PRO A 239 5.99 6.96 8.31
N MET A 240 5.00 7.84 8.51
CA MET A 240 5.07 9.25 8.12
C MET A 240 6.11 9.98 8.99
N ARG A 241 6.22 9.60 10.28
CA ARG A 241 7.22 10.14 11.20
C ARG A 241 8.65 9.66 10.77
N ALA A 242 8.81 8.36 10.40
CA ALA A 242 10.09 7.81 9.92
C ALA A 242 10.53 8.56 8.65
N LEU A 243 9.57 8.86 7.78
CA LEU A 243 9.82 9.60 6.54
C LEU A 243 10.43 10.98 6.82
N PHE A 244 9.92 11.67 7.85
CA PHE A 244 10.43 12.96 8.29
C PHE A 244 11.84 12.78 8.95
N LEU A 245 12.00 11.72 9.75
CA LEU A 245 13.25 11.48 10.50
C LEU A 245 14.46 11.00 9.71
N ILE A 246 14.25 10.13 8.70
CA ILE A 246 15.37 9.60 7.91
C ILE A 246 16.35 10.69 7.37
N PRO A 247 15.85 11.76 6.68
CA PRO A 247 16.78 12.79 6.16
C PRO A 247 17.49 13.64 7.21
N ARG A 248 17.00 13.67 8.47
CA ARG A 248 17.64 14.47 9.50
C ARG A 248 18.41 13.74 10.59
N ASN A 249 18.12 12.45 10.78
CA ASN A 249 18.78 11.66 11.79
C ASN A 249 20.20 11.25 11.36
N PRO A 250 21.15 11.10 12.32
CA PRO A 250 22.49 10.63 11.95
C PRO A 250 22.36 9.19 11.41
N PRO A 251 23.42 8.60 10.82
CA PRO A 251 23.25 7.20 10.33
C PRO A 251 22.80 6.25 11.43
N PRO A 252 21.84 5.34 11.15
CA PRO A 252 21.46 4.35 12.17
C PRO A 252 22.65 3.47 12.55
N ARG A 253 22.61 2.92 13.78
CA ARG A 253 23.69 2.08 14.32
C ARG A 253 23.10 0.83 14.93
N LEU A 254 23.88 -0.26 14.97
CA LEU A 254 23.48 -1.50 15.65
C LEU A 254 23.41 -1.18 17.17
N LYS A 255 22.33 -1.62 17.84
CA LYS A 255 22.10 -1.38 19.29
C LYS A 255 23.12 -2.13 20.15
N SER A 256 23.37 -3.41 19.84
CA SER A 256 24.28 -4.26 20.59
C SER A 256 25.74 -4.03 20.26
N LYS A 257 26.59 -4.22 21.28
CA LYS A 257 28.03 -4.08 21.20
C LYS A 257 28.73 -5.41 20.89
N LYS A 258 27.95 -6.50 20.84
CA LYS A 258 28.44 -7.87 20.60
C LYS A 258 29.07 -8.10 19.22
N TRP A 259 28.62 -7.35 18.19
CA TRP A 259 29.06 -7.52 16.80
C TRP A 259 30.55 -7.28 16.57
N SER A 260 31.10 -7.89 15.50
CA SER A 260 32.50 -7.70 15.14
C SER A 260 32.73 -6.27 14.61
N LYS A 261 33.99 -5.82 14.65
CA LYS A 261 34.45 -4.53 14.15
C LYS A 261 34.11 -4.41 12.66
N LYS A 262 34.30 -5.50 11.90
CA LYS A 262 34.02 -5.62 10.47
C LYS A 262 32.53 -5.41 10.18
N PHE A 263 31.64 -5.93 11.03
CA PHE A 263 30.20 -5.77 10.84
C PHE A 263 29.79 -4.31 11.07
N PHE A 264 30.28 -3.67 12.15
CA PHE A 264 30.05 -2.25 12.42
C PHE A 264 30.55 -1.39 11.25
N SER A 265 31.73 -1.73 10.71
CA SER A 265 32.35 -1.04 9.58
C SER A 265 31.53 -1.19 8.30
N PHE A 266 30.96 -2.38 8.05
CA PHE A 266 30.10 -2.65 6.90
C PHE A 266 28.82 -1.80 6.94
N ILE A 267 28.18 -1.72 8.10
CA ILE A 267 26.95 -0.95 8.34
C ILE A 267 27.25 0.53 8.09
N GLU A 268 28.38 1.03 8.61
CA GLU A 268 28.86 2.39 8.42
C GLU A 268 29.06 2.65 6.92
N GLY A 269 29.61 1.69 6.17
CA GLY A 269 29.79 1.83 4.72
C GLY A 269 28.47 2.00 3.99
N CYS A 270 27.51 1.08 4.23
CA CYS A 270 26.16 1.17 3.65
C CYS A 270 25.46 2.45 4.03
N LEU A 271 25.59 2.86 5.33
CA LEU A 271 24.84 4.00 5.91
C LEU A 271 25.50 5.34 5.96
N VAL A 272 26.28 5.67 4.91
CA VAL A 272 26.89 6.98 4.83
C VAL A 272 25.72 7.93 4.49
N LYS A 273 25.42 8.94 5.36
CA LYS A 273 24.29 9.86 5.18
C LYS A 273 24.23 10.48 3.83
N ASN A 274 25.35 11.11 3.42
CA ASN A 274 25.46 11.78 2.13
C ASN A 274 25.87 10.75 1.11
N TYR A 275 24.96 10.45 0.14
CA TYR A 275 25.20 9.44 -0.89
C TYR A 275 26.46 9.72 -1.73
N MET A 276 26.87 11.01 -1.86
CA MET A 276 28.04 11.46 -2.61
C MET A 276 29.36 10.85 -2.05
N GLN A 277 29.44 10.54 -0.75
CA GLN A 277 30.60 9.80 -0.24
C GLN A 277 30.32 8.39 0.20
N ARG A 278 29.13 7.87 -0.14
CA ARG A 278 28.77 6.48 0.14
C ARG A 278 29.56 5.58 -0.84
N PRO A 279 30.13 4.44 -0.43
CA PRO A 279 30.86 3.61 -1.41
C PRO A 279 29.93 2.99 -2.47
N SER A 280 30.54 2.54 -3.59
CA SER A 280 29.83 1.85 -4.68
C SER A 280 29.60 0.39 -4.28
N THR A 281 28.77 -0.33 -5.05
CA THR A 281 28.48 -1.74 -4.84
C THR A 281 29.78 -2.55 -4.93
N GLU A 282 30.65 -2.18 -5.90
CA GLU A 282 31.94 -2.80 -6.16
C GLU A 282 32.84 -2.62 -4.94
N GLN A 283 32.89 -1.40 -4.37
CA GLN A 283 33.67 -1.11 -3.16
C GLN A 283 33.17 -1.90 -1.97
N LEU A 284 31.83 -2.01 -1.77
CA LEU A 284 31.27 -2.77 -0.65
C LEU A 284 31.46 -4.28 -0.78
N LEU A 285 31.54 -4.78 -2.02
CA LEU A 285 31.79 -6.21 -2.27
C LEU A 285 33.22 -6.61 -1.83
N LYS A 286 34.14 -5.62 -1.78
CA LYS A 286 35.54 -5.78 -1.35
C LYS A 286 35.70 -5.47 0.15
N HIS A 287 34.60 -5.12 0.84
CA HIS A 287 34.65 -4.84 2.27
C HIS A 287 34.97 -6.13 2.99
N PRO A 288 35.91 -6.11 3.97
CA PRO A 288 36.29 -7.35 4.67
C PRO A 288 35.14 -8.22 5.16
N PHE A 289 34.04 -7.58 5.66
CA PHE A 289 32.83 -8.27 6.14
C PHE A 289 32.16 -9.10 5.03
N ILE A 290 32.18 -8.58 3.80
CA ILE A 290 31.59 -9.22 2.62
C ILE A 290 32.62 -10.10 1.87
N ARG A 291 33.85 -9.61 1.73
CA ARG A 291 34.94 -10.26 1.00
C ARG A 291 35.44 -11.53 1.67
N ASP A 292 35.67 -11.50 3.00
CA ASP A 292 36.23 -12.59 3.80
C ASP A 292 35.20 -13.46 4.50
N GLN A 293 34.77 -14.55 3.85
CA GLN A 293 33.78 -15.45 4.43
C GLN A 293 34.32 -16.90 4.50
N PRO A 294 35.11 -17.22 5.56
CA PRO A 294 35.70 -18.56 5.65
C PRO A 294 34.72 -19.71 5.91
N ASN A 295 33.62 -19.42 6.63
CA ASN A 295 32.59 -20.41 6.98
C ASN A 295 31.41 -20.46 6.00
N GLU A 296 31.62 -19.97 4.77
CA GLU A 296 30.64 -19.92 3.67
C GLU A 296 29.86 -21.23 3.49
N ARG A 297 30.59 -22.36 3.36
CA ARG A 297 30.07 -23.72 3.18
C ARG A 297 29.14 -24.12 4.32
N GLN A 298 29.59 -23.93 5.57
CA GLN A 298 28.83 -24.27 6.79
C GLN A 298 27.54 -23.46 6.91
N VAL A 299 27.62 -22.14 6.57
CA VAL A 299 26.49 -21.19 6.63
C VAL A 299 25.37 -21.67 5.71
N ARG A 300 25.74 -22.07 4.47
CA ARG A 300 24.79 -22.61 3.48
C ARG A 300 24.05 -23.84 4.03
N ILE A 301 24.79 -24.74 4.71
CA ILE A 301 24.25 -25.94 5.36
C ILE A 301 23.28 -25.55 6.51
N GLN A 302 23.70 -24.62 7.40
CA GLN A 302 22.93 -24.08 8.54
C GLN A 302 21.62 -23.44 8.08
N LEU A 303 21.69 -22.63 6.99
CA LEU A 303 20.53 -21.94 6.40
C LEU A 303 19.57 -22.97 5.85
N LYS A 304 20.09 -23.97 5.10
CA LYS A 304 19.30 -25.09 4.54
C LYS A 304 18.57 -25.80 5.69
N ASP A 305 19.33 -26.12 6.76
CA ASP A 305 18.82 -26.74 7.97
C ASP A 305 17.71 -25.91 8.60
N HIS A 306 17.90 -24.58 8.68
CA HIS A 306 16.89 -23.66 9.21
C HIS A 306 15.61 -23.65 8.37
N ILE A 307 15.77 -23.68 7.02
CA ILE A 307 14.66 -23.70 6.06
C ILE A 307 13.85 -25.00 6.22
N ASP A 308 14.54 -26.16 6.35
CA ASP A 308 13.95 -27.48 6.52
C ASP A 308 13.21 -27.60 7.86
N ARG A 309 13.80 -27.04 8.95
CA ARG A 309 13.21 -27.08 10.30
C ARG A 309 11.99 -26.16 10.46
N THR A 310 11.82 -25.19 9.54
CA THR A 310 10.70 -24.25 9.49
C THR A 310 9.59 -24.86 8.61
N ARG A 311 9.98 -25.65 7.58
CA ARG A 311 9.08 -26.34 6.66
C ARG A 311 8.41 -27.53 7.36
N ASP B 15 -22.98 -7.05 17.75
CA ASP B 15 -22.02 -6.55 18.73
C ASP B 15 -20.72 -6.03 18.09
N LEU B 16 -20.25 -4.86 18.55
CA LEU B 16 -19.05 -4.17 18.04
C LEU B 16 -17.87 -4.11 19.03
N SER B 17 -18.05 -4.65 20.27
CA SER B 17 -17.02 -4.65 21.30
C SER B 17 -16.41 -6.05 21.56
N SER B 18 -16.58 -7.00 20.60
CA SER B 18 -16.09 -8.37 20.75
C SER B 18 -15.24 -8.92 19.58
N LEU B 19 -14.55 -10.06 19.83
CA LEU B 19 -13.69 -10.79 18.91
C LEU B 19 -14.09 -12.27 18.88
N ARG B 20 -15.24 -12.53 18.28
CA ARG B 20 -15.85 -13.86 18.16
C ARG B 20 -15.56 -14.50 16.80
N ASP B 21 -15.67 -15.84 16.70
CA ASP B 21 -15.50 -16.57 15.44
C ASP B 21 -16.74 -16.24 14.55
N PRO B 22 -16.60 -16.06 13.22
CA PRO B 22 -17.78 -15.72 12.42
C PRO B 22 -18.71 -16.89 12.05
N ALA B 23 -18.37 -18.13 12.46
CA ALA B 23 -19.16 -19.33 12.15
C ALA B 23 -20.59 -19.23 12.68
N GLY B 24 -21.55 -19.41 11.78
CA GLY B 24 -22.97 -19.31 12.06
C GLY B 24 -23.51 -17.89 12.11
N ILE B 25 -22.64 -16.88 11.91
CA ILE B 25 -23.04 -15.48 11.92
C ILE B 25 -22.89 -14.86 10.53
N PHE B 26 -21.70 -15.06 9.92
CA PHE B 26 -21.39 -14.57 8.58
C PHE B 26 -20.65 -15.63 7.82
N GLU B 27 -20.88 -15.68 6.52
CA GLU B 27 -20.17 -16.60 5.66
C GLU B 27 -19.80 -15.91 4.37
N LEU B 28 -18.70 -16.33 3.75
CA LEU B 28 -18.21 -15.76 2.50
C LEU B 28 -18.86 -16.52 1.34
N VAL B 29 -19.50 -15.81 0.40
CA VAL B 29 -20.13 -16.45 -0.75
C VAL B 29 -19.20 -16.43 -1.98
N GLU B 30 -17.91 -16.06 -1.74
CA GLU B 30 -16.80 -15.95 -2.70
C GLU B 30 -17.05 -14.87 -3.76
N GLN B 39 -8.34 -7.10 1.02
CA GLN B 39 -9.05 -8.08 0.19
C GLN B 39 -10.51 -8.17 0.66
N VAL B 40 -11.45 -7.73 -0.21
CA VAL B 40 -12.89 -7.66 0.08
C VAL B 40 -13.66 -8.79 -0.64
N TYR B 41 -14.60 -9.44 0.08
CA TYR B 41 -15.41 -10.54 -0.45
C TYR B 41 -16.90 -10.34 -0.24
N LYS B 42 -17.71 -10.83 -1.21
CA LYS B 42 -19.16 -10.78 -1.07
C LYS B 42 -19.52 -11.90 -0.08
N GLY B 43 -20.25 -11.52 0.94
CA GLY B 43 -20.64 -12.45 1.99
C GLY B 43 -22.11 -12.33 2.34
N ARG B 44 -22.51 -13.03 3.38
CA ARG B 44 -23.90 -12.99 3.84
C ARG B 44 -24.06 -13.24 5.31
N HIS B 45 -25.09 -12.62 5.89
CA HIS B 45 -25.48 -12.81 7.27
C HIS B 45 -26.28 -14.11 7.27
N VAL B 46 -25.72 -15.19 7.85
CA VAL B 46 -26.28 -16.54 7.88
C VAL B 46 -27.80 -16.62 8.14
N LYS B 47 -28.25 -16.06 9.27
CA LYS B 47 -29.65 -16.10 9.69
C LYS B 47 -30.65 -15.36 8.82
N THR B 48 -30.26 -14.22 8.23
CA THR B 48 -31.17 -13.40 7.42
C THR B 48 -30.95 -13.50 5.90
N GLY B 49 -29.76 -13.92 5.49
CA GLY B 49 -29.41 -14.01 4.08
C GLY B 49 -29.01 -12.69 3.45
N GLN B 50 -29.01 -11.60 4.27
CA GLN B 50 -28.62 -10.25 3.85
C GLN B 50 -27.13 -10.24 3.45
N LEU B 51 -26.86 -9.61 2.29
CA LEU B 51 -25.53 -9.46 1.70
C LEU B 51 -24.64 -8.57 2.54
N ALA B 52 -23.33 -8.79 2.47
CA ALA B 52 -22.38 -8.01 3.24
C ALA B 52 -21.09 -7.87 2.49
N ALA B 53 -20.33 -6.84 2.84
CA ALA B 53 -19.00 -6.63 2.31
C ALA B 53 -18.11 -7.06 3.47
N ILE B 54 -17.32 -8.13 3.28
CA ILE B 54 -16.42 -8.64 4.30
C ILE B 54 -14.98 -8.46 3.85
N LYS B 55 -14.23 -7.69 4.62
CA LYS B 55 -12.81 -7.51 4.37
C LYS B 55 -12.12 -8.57 5.20
N VAL B 56 -11.26 -9.36 4.55
CA VAL B 56 -10.52 -10.47 5.17
C VAL B 56 -9.02 -10.21 5.17
N MET B 57 -8.40 -10.27 6.35
CA MET B 57 -6.95 -10.07 6.50
C MET B 57 -6.32 -11.17 7.35
N ASP B 58 -5.11 -11.60 6.98
CA ASP B 58 -4.37 -12.58 7.77
C ASP B 58 -3.70 -11.85 8.93
N VAL B 59 -4.09 -12.22 10.13
CA VAL B 59 -3.64 -11.65 11.39
C VAL B 59 -2.76 -12.62 12.21
N THR B 60 -1.65 -12.14 12.78
CA THR B 60 -0.79 -12.95 13.65
C THR B 60 -1.38 -12.88 15.06
N GLU B 61 -0.94 -13.75 15.99
CA GLU B 61 -1.39 -13.76 17.39
C GLU B 61 -1.07 -12.41 18.07
N ASP B 62 0.10 -11.82 17.76
CA ASP B 62 0.57 -10.54 18.31
C ASP B 62 -0.36 -9.38 17.90
N GLU B 63 -0.82 -9.39 16.64
CA GLU B 63 -1.72 -8.40 16.08
C GLU B 63 -3.14 -8.54 16.63
N GLU B 64 -3.52 -9.76 17.08
CA GLU B 64 -4.84 -10.02 17.66
C GLU B 64 -5.04 -9.28 18.97
N GLU B 65 -3.95 -9.15 19.76
CA GLU B 65 -3.95 -8.41 21.02
C GLU B 65 -3.99 -6.91 20.77
N GLU B 66 -3.44 -6.48 19.61
CA GLU B 66 -3.43 -5.09 19.17
C GLU B 66 -4.86 -4.70 18.80
N ILE B 67 -5.59 -5.61 18.13
CA ILE B 67 -6.97 -5.33 17.74
C ILE B 67 -7.92 -5.28 18.94
N LYS B 68 -7.60 -6.00 20.03
CA LYS B 68 -8.39 -6.00 21.27
C LYS B 68 -8.33 -4.60 21.90
N LEU B 69 -7.14 -4.02 21.94
CA LEU B 69 -6.86 -2.69 22.45
C LEU B 69 -7.60 -1.63 21.60
N GLU B 70 -7.57 -1.81 20.28
CA GLU B 70 -8.26 -0.91 19.36
C GLU B 70 -9.75 -1.05 19.39
N ILE B 71 -10.25 -2.24 19.74
CA ILE B 71 -11.68 -2.43 19.90
C ILE B 71 -12.15 -1.60 21.10
N ASN B 72 -11.28 -1.47 22.14
CA ASN B 72 -11.56 -0.63 23.30
C ASN B 72 -11.59 0.85 22.92
N MET B 73 -10.86 1.23 21.85
CA MET B 73 -10.76 2.60 21.36
C MET B 73 -11.93 2.99 20.45
N LEU B 74 -12.71 2.01 19.96
CA LEU B 74 -13.86 2.28 19.09
C LEU B 74 -14.88 3.22 19.75
N LYS B 75 -15.38 4.17 18.99
CA LYS B 75 -16.40 5.11 19.42
C LYS B 75 -17.72 4.62 18.87
N LYS B 76 -18.79 4.74 19.65
CA LYS B 76 -20.11 4.29 19.21
C LYS B 76 -20.90 5.39 18.53
N TYR B 77 -21.58 4.98 17.46
CA TYR B 77 -22.45 5.80 16.64
C TYR B 77 -23.48 4.94 15.94
N SER B 78 -24.70 5.48 15.81
CA SER B 78 -25.83 4.83 15.16
C SER B 78 -25.61 4.66 13.65
N HIS B 79 -26.57 4.01 12.99
CA HIS B 79 -26.60 3.78 11.54
C HIS B 79 -26.91 5.13 10.89
N HIS B 80 -26.55 5.30 9.62
CA HIS B 80 -26.82 6.53 8.90
C HIS B 80 -26.91 6.19 7.43
N ARG B 81 -27.88 6.80 6.72
CA ARG B 81 -28.10 6.56 5.29
C ARG B 81 -26.94 6.89 4.36
N ASN B 82 -25.95 7.64 4.83
CA ASN B 82 -24.79 7.96 4.02
C ASN B 82 -23.51 7.22 4.48
N ILE B 83 -23.65 6.24 5.42
CA ILE B 83 -22.57 5.37 5.88
C ILE B 83 -22.98 3.93 5.71
N ALA B 84 -22.15 3.18 4.94
CA ALA B 84 -22.31 1.75 4.74
C ALA B 84 -21.99 1.16 6.11
N THR B 85 -23.04 0.72 6.81
CA THR B 85 -23.02 0.25 8.19
C THR B 85 -21.94 -0.75 8.49
N TYR B 86 -21.13 -0.47 9.52
CA TYR B 86 -20.09 -1.36 9.99
C TYR B 86 -20.76 -2.33 10.98
N TYR B 87 -20.84 -3.62 10.61
CA TYR B 87 -21.49 -4.66 11.41
C TYR B 87 -20.64 -5.28 12.49
N GLY B 88 -19.32 -5.18 12.35
CA GLY B 88 -18.45 -5.72 13.36
C GLY B 88 -17.19 -6.39 12.86
N ALA B 89 -16.45 -6.92 13.82
CA ALA B 89 -15.19 -7.57 13.58
C ALA B 89 -15.25 -8.99 14.11
N PHE B 90 -14.62 -9.92 13.38
CA PHE B 90 -14.56 -11.33 13.76
C PHE B 90 -13.20 -11.90 13.44
N ILE B 91 -12.76 -12.90 14.21
CA ILE B 91 -11.50 -13.61 13.98
C ILE B 91 -11.75 -15.10 13.79
N LYS B 92 -11.40 -15.61 12.59
CA LYS B 92 -11.51 -17.02 12.22
C LYS B 92 -10.15 -17.66 12.50
N LYS B 93 -10.10 -18.44 13.59
CA LYS B 93 -8.94 -19.14 14.12
C LYS B 93 -8.34 -20.19 13.19
N SER B 94 -7.00 -20.16 13.07
CA SER B 94 -6.19 -21.09 12.31
C SER B 94 -5.49 -22.02 13.32
N PRO B 95 -5.10 -23.28 12.95
CA PRO B 95 -4.45 -24.18 13.93
C PRO B 95 -3.28 -23.57 14.74
N PRO B 96 -3.03 -24.04 16.00
CA PRO B 96 -1.94 -23.45 16.80
C PRO B 96 -0.60 -23.33 16.07
N GLY B 97 -0.11 -22.10 15.99
CA GLY B 97 1.12 -21.74 15.29
C GLY B 97 0.86 -20.93 14.05
N HIS B 98 -0.19 -21.32 13.27
CA HIS B 98 -0.63 -20.70 12.03
C HIS B 98 -1.33 -19.35 12.22
N ASP B 99 -1.18 -18.43 11.23
CA ASP B 99 -1.77 -17.09 11.21
C ASP B 99 -3.28 -17.12 10.99
N ASP B 100 -4.04 -16.50 11.92
CA ASP B 100 -5.50 -16.42 11.91
C ASP B 100 -6.06 -15.48 10.82
N GLN B 101 -7.38 -15.21 10.86
CA GLN B 101 -8.03 -14.38 9.86
C GLN B 101 -8.98 -13.35 10.48
N LEU B 102 -8.76 -12.04 10.21
CA LEU B 102 -9.64 -10.98 10.69
C LEU B 102 -10.66 -10.66 9.62
N TRP B 103 -11.94 -10.65 10.00
CA TRP B 103 -13.06 -10.33 9.14
C TRP B 103 -13.64 -9.01 9.62
N LEU B 104 -13.76 -8.04 8.71
CA LEU B 104 -14.38 -6.76 9.03
C LEU B 104 -15.61 -6.69 8.18
N VAL B 105 -16.76 -6.61 8.83
CA VAL B 105 -18.05 -6.71 8.16
C VAL B 105 -18.83 -5.39 8.03
N MET B 106 -19.32 -5.12 6.82
CA MET B 106 -20.05 -3.89 6.49
C MET B 106 -21.22 -4.18 5.50
N GLU B 107 -22.25 -3.29 5.46
CA GLU B 107 -23.41 -3.26 4.53
C GLU B 107 -22.91 -3.34 3.09
N PHE B 108 -23.60 -4.09 2.25
CA PHE B 108 -23.25 -4.26 0.85
C PHE B 108 -23.88 -3.21 -0.05
N CYS B 109 -23.05 -2.57 -0.87
CA CYS B 109 -23.46 -1.52 -1.81
C CYS B 109 -23.12 -2.06 -3.18
N GLY B 110 -24.15 -2.54 -3.86
CA GLY B 110 -24.02 -3.25 -5.13
C GLY B 110 -23.73 -2.50 -6.42
N ALA B 111 -23.72 -1.15 -6.43
CA ALA B 111 -23.50 -0.37 -7.66
C ALA B 111 -22.11 0.28 -7.83
N GLY B 112 -21.12 -0.24 -7.14
CA GLY B 112 -19.74 0.25 -7.25
C GLY B 112 -19.44 1.60 -6.63
N SER B 113 -18.19 2.05 -6.76
CA SER B 113 -17.70 3.29 -6.19
C SER B 113 -17.91 4.50 -7.10
N ILE B 114 -17.64 5.72 -6.57
CA ILE B 114 -17.73 6.97 -7.33
C ILE B 114 -16.59 7.05 -8.36
N THR B 115 -15.41 6.50 -8.05
CA THR B 115 -14.28 6.45 -8.99
C THR B 115 -14.73 5.64 -10.24
N ASP B 116 -15.41 4.47 -10.03
CA ASP B 116 -15.96 3.61 -11.09
C ASP B 116 -16.97 4.41 -11.89
N LEU B 117 -17.89 5.13 -11.18
CA LEU B 117 -18.91 5.97 -11.80
C LEU B 117 -18.29 7.00 -12.76
N VAL B 118 -17.25 7.73 -12.32
CA VAL B 118 -16.59 8.73 -13.18
C VAL B 118 -15.84 8.10 -14.39
N LYS B 119 -15.23 6.90 -14.19
CA LYS B 119 -14.49 6.17 -15.24
C LYS B 119 -15.43 5.57 -16.30
N ASN B 120 -16.64 5.14 -15.87
CA ASN B 120 -17.68 4.55 -16.72
C ASN B 120 -18.66 5.61 -17.27
N THR B 121 -18.16 6.86 -17.36
CA THR B 121 -18.84 8.03 -17.89
C THR B 121 -17.93 8.60 -18.97
N LYS B 122 -18.56 9.10 -20.05
CA LYS B 122 -17.91 9.69 -21.21
C LYS B 122 -17.10 10.92 -20.82
N GLY B 123 -15.83 10.91 -21.19
CA GLY B 123 -14.90 12.00 -20.92
C GLY B 123 -14.38 12.09 -19.50
N ASN B 124 -14.64 11.04 -18.67
CA ASN B 124 -14.21 10.95 -17.26
C ASN B 124 -14.49 12.23 -16.46
N THR B 125 -15.74 12.69 -16.57
CA THR B 125 -16.24 13.91 -15.95
C THR B 125 -17.71 13.75 -15.62
N LEU B 126 -18.12 14.21 -14.44
CA LEU B 126 -19.51 14.15 -14.01
C LEU B 126 -20.14 15.53 -14.16
N LYS B 127 -21.47 15.57 -14.42
CA LYS B 127 -22.25 16.79 -14.52
C LYS B 127 -22.14 17.51 -13.17
N GLU B 128 -22.00 18.84 -13.17
CA GLU B 128 -21.87 19.61 -11.93
C GLU B 128 -22.94 19.32 -10.86
N ASP B 129 -24.21 19.16 -11.25
CA ASP B 129 -25.28 18.88 -10.30
C ASP B 129 -25.20 17.48 -9.70
N TRP B 130 -24.50 16.55 -10.36
CA TRP B 130 -24.23 15.22 -9.83
C TRP B 130 -23.17 15.36 -8.71
N ILE B 131 -22.13 16.20 -8.96
CA ILE B 131 -21.03 16.48 -8.03
C ILE B 131 -21.61 17.11 -6.77
N ALA B 132 -22.58 18.04 -6.93
CA ALA B 132 -23.27 18.69 -5.82
C ALA B 132 -24.04 17.70 -4.96
N TYR B 133 -24.77 16.75 -5.62
CA TYR B 133 -25.56 15.74 -4.93
C TYR B 133 -24.67 14.78 -4.15
N ILE B 134 -23.64 14.23 -4.80
CA ILE B 134 -22.68 13.28 -4.22
C ILE B 134 -21.89 13.92 -3.08
N SER B 135 -21.35 15.16 -3.30
CA SER B 135 -20.59 15.88 -2.27
C SER B 135 -21.40 16.15 -1.02
N ARG B 136 -22.70 16.50 -1.16
CA ARG B 136 -23.58 16.72 -0.01
C ARG B 136 -23.78 15.42 0.78
N GLU B 137 -24.04 14.31 0.06
CA GLU B 137 -24.22 12.98 0.67
C GLU B 137 -22.95 12.62 1.48
N ILE B 138 -21.74 12.83 0.90
CA ILE B 138 -20.43 12.64 1.56
C ILE B 138 -20.38 13.48 2.84
N LEU B 139 -20.76 14.76 2.73
CA LEU B 139 -20.77 15.69 3.87
C LEU B 139 -21.71 15.29 4.99
N ARG B 140 -22.89 14.80 4.63
CA ARG B 140 -23.90 14.35 5.60
C ARG B 140 -23.39 13.13 6.37
N GLY B 141 -22.74 12.22 5.67
CA GLY B 141 -22.11 11.05 6.27
C GLY B 141 -20.99 11.46 7.21
N LEU B 142 -20.15 12.44 6.77
CA LEU B 142 -19.06 12.98 7.59
C LEU B 142 -19.55 13.72 8.82
N ALA B 143 -20.64 14.52 8.69
CA ALA B 143 -21.23 15.25 9.82
C ALA B 143 -21.63 14.26 10.91
N HIS B 144 -22.21 13.11 10.52
CA HIS B 144 -22.59 12.06 11.44
C HIS B 144 -21.38 11.50 12.17
N LEU B 145 -20.29 11.26 11.44
CA LEU B 145 -19.05 10.75 12.05
C LEU B 145 -18.42 11.78 12.97
N HIS B 146 -18.30 13.04 12.50
CA HIS B 146 -17.67 14.14 13.25
C HIS B 146 -18.41 14.48 14.53
N ILE B 147 -19.76 14.41 14.50
CA ILE B 147 -20.55 14.69 15.71
C ILE B 147 -20.34 13.61 16.78
N HIS B 148 -19.99 12.37 16.35
CA HIS B 148 -19.68 11.22 17.20
C HIS B 148 -18.18 11.08 17.46
N HIS B 149 -17.41 12.17 17.24
CA HIS B 149 -15.97 12.30 17.48
C HIS B 149 -15.13 11.28 16.70
N VAL B 150 -15.55 10.99 15.45
CA VAL B 150 -14.90 10.05 14.56
C VAL B 150 -14.43 10.77 13.32
N ILE B 151 -13.18 10.52 12.92
CA ILE B 151 -12.59 11.06 11.69
C ILE B 151 -12.58 9.85 10.77
N HIS B 152 -13.10 9.99 9.54
CA HIS B 152 -13.12 8.92 8.54
C HIS B 152 -11.70 8.53 8.15
N ARG B 153 -10.85 9.53 7.84
CA ARG B 153 -9.44 9.35 7.50
C ARG B 153 -9.12 8.95 6.06
N ASP B 154 -10.07 8.38 5.32
CA ASP B 154 -9.79 7.98 3.94
C ASP B 154 -10.90 8.29 2.92
N ILE B 155 -11.33 9.56 2.89
CA ILE B 155 -12.32 10.05 1.92
C ILE B 155 -11.66 10.17 0.56
N LYS B 156 -12.26 9.52 -0.44
CA LYS B 156 -11.83 9.45 -1.85
C LYS B 156 -12.93 8.73 -2.60
N GLY B 157 -13.00 8.95 -3.92
CA GLY B 157 -14.04 8.37 -4.77
C GLY B 157 -14.23 6.87 -4.61
N GLN B 158 -13.12 6.14 -4.47
CA GLN B 158 -13.09 4.70 -4.28
C GLN B 158 -13.78 4.29 -2.96
N ASN B 159 -13.76 5.17 -1.93
CA ASN B 159 -14.40 4.90 -0.64
C ASN B 159 -15.80 5.46 -0.49
N VAL B 160 -16.35 5.92 -1.62
CA VAL B 160 -17.69 6.46 -1.67
C VAL B 160 -18.44 5.53 -2.62
N LEU B 161 -19.39 4.74 -2.09
CA LEU B 161 -20.12 3.74 -2.86
C LEU B 161 -21.56 4.09 -3.18
N LEU B 162 -22.06 3.48 -4.25
CA LEU B 162 -23.44 3.61 -4.69
C LEU B 162 -24.20 2.31 -4.47
N THR B 163 -25.49 2.41 -4.09
CA THR B 163 -26.37 1.25 -3.98
C THR B 163 -27.14 1.15 -5.30
N GLU B 164 -27.87 0.04 -5.52
CA GLU B 164 -28.70 -0.17 -6.70
C GLU B 164 -29.78 0.90 -6.81
N ASN B 165 -30.25 1.43 -5.65
CA ASN B 165 -31.24 2.51 -5.51
C ASN B 165 -30.62 3.94 -5.63
N ALA B 166 -29.38 4.06 -6.16
CA ALA B 166 -28.61 5.30 -6.33
C ALA B 166 -28.36 6.13 -5.06
N GLU B 167 -28.27 5.44 -3.90
CA GLU B 167 -27.96 6.02 -2.60
C GLU B 167 -26.44 6.08 -2.50
N VAL B 168 -25.91 7.13 -1.86
CA VAL B 168 -24.47 7.34 -1.66
C VAL B 168 -24.08 7.00 -0.22
N LYS B 169 -23.11 6.11 -0.03
CA LYS B 169 -22.68 5.66 1.30
C LYS B 169 -21.17 5.63 1.48
N LEU B 170 -20.70 6.02 2.66
CA LEU B 170 -19.28 6.00 2.95
C LEU B 170 -18.84 4.62 3.45
N VAL B 171 -17.68 4.16 2.93
CA VAL B 171 -17.06 2.89 3.33
C VAL B 171 -16.71 3.02 4.81
N ASP B 172 -17.12 2.03 5.61
CA ASP B 172 -16.83 1.95 7.05
C ASP B 172 -16.57 0.51 7.50
N PHE B 173 -15.27 0.15 7.65
CA PHE B 173 -14.84 -1.15 8.17
C PHE B 173 -14.35 -0.96 9.61
N GLY B 174 -14.95 0.01 10.28
CA GLY B 174 -14.64 0.41 11.65
C GLY B 174 -13.65 1.56 11.66
N VAL B 175 -14.03 2.68 10.99
CA VAL B 175 -13.20 3.90 10.84
C VAL B 175 -12.68 4.50 12.18
N SER B 176 -13.48 4.34 13.24
CA SER B 176 -13.24 4.78 14.62
C SER B 176 -11.89 4.31 15.19
N ALA B 177 -11.54 3.05 14.96
CA ALA B 177 -10.29 2.45 15.43
C ALA B 177 -9.33 2.08 14.30
N GLN B 178 -9.73 2.30 13.01
CA GLN B 178 -8.91 2.06 11.81
C GLN B 178 -8.33 0.63 11.74
N LEU B 179 -9.18 -0.34 12.07
CA LEU B 179 -8.89 -1.78 12.14
C LEU B 179 -8.27 -2.37 10.88
N ASP B 180 -8.73 -1.92 9.70
CA ASP B 180 -8.25 -2.32 8.38
C ASP B 180 -6.97 -1.60 7.92
N ARG B 181 -6.48 -0.60 8.68
CA ARG B 181 -5.26 0.17 8.38
C ARG B 181 -4.15 -0.11 9.39
N THR B 182 -4.52 -0.53 10.58
CA THR B 182 -3.60 -0.72 11.71
C THR B 182 -2.83 -2.05 11.77
N VAL B 183 -3.43 -3.15 11.28
CA VAL B 183 -2.83 -4.48 11.33
C VAL B 183 -2.69 -5.07 9.93
N GLY B 184 -1.88 -6.10 9.82
CA GLY B 184 -1.63 -6.75 8.53
C GLY B 184 -0.28 -6.45 7.93
N ARG B 185 0.02 -7.13 6.82
CA ARG B 185 1.29 -7.02 6.12
C ARG B 185 1.50 -5.65 5.45
N ARG B 186 0.43 -4.84 5.25
CA ARG B 186 0.59 -3.51 4.67
C ARG B 186 0.21 -2.29 5.54
N ASN B 187 0.27 -2.42 6.89
CA ASN B 187 -0.04 -1.34 7.84
C ASN B 187 1.02 -0.22 7.93
N THR B 188 2.33 -0.56 7.74
CA THR B 188 3.50 0.34 7.78
C THR B 188 3.78 1.05 6.43
N PHE B 189 2.87 0.90 5.49
CA PHE B 189 2.94 1.52 4.17
C PHE B 189 2.36 2.92 4.29
N ILE B 190 2.98 3.88 3.59
CA ILE B 190 2.46 5.24 3.51
C ILE B 190 1.10 5.40 2.80
N GLY B 191 0.83 4.59 1.78
CA GLY B 191 -0.44 4.60 1.04
C GLY B 191 -0.45 5.63 -0.06
N THR B 192 -1.60 5.79 -0.77
CA THR B 192 -1.75 6.78 -1.83
C THR B 192 -1.81 8.18 -1.21
N PRO B 193 -1.03 9.16 -1.71
CA PRO B 193 -1.03 10.48 -1.06
C PRO B 193 -2.01 11.53 -1.60
N TYR B 194 -2.62 11.30 -2.76
CA TYR B 194 -3.40 12.30 -3.47
C TYR B 194 -4.56 12.98 -2.76
N TRP B 195 -5.22 12.28 -1.83
CA TRP B 195 -6.38 12.86 -1.11
C TRP B 195 -6.02 13.38 0.26
N MET B 196 -4.74 13.21 0.63
CA MET B 196 -4.20 13.62 1.93
C MET B 196 -4.14 15.13 2.08
N ALA B 197 -4.61 15.61 3.23
CA ALA B 197 -4.59 17.02 3.63
C ALA B 197 -3.15 17.41 4.03
N PRO B 198 -2.72 18.68 3.80
CA PRO B 198 -1.33 19.06 4.14
C PRO B 198 -0.90 18.68 5.57
N GLU B 199 -1.78 18.84 6.57
CA GLU B 199 -1.50 18.54 7.98
C GLU B 199 -1.20 17.07 8.30
N VAL B 200 -1.64 16.12 7.47
CA VAL B 200 -1.35 14.70 7.75
C VAL B 200 0.04 14.28 7.18
N ILE B 201 0.69 15.17 6.43
CA ILE B 201 1.97 14.89 5.82
C ILE B 201 3.06 15.52 6.65
N ALA B 202 3.96 14.70 7.20
CA ALA B 202 5.06 15.27 7.95
C ALA B 202 6.10 15.86 6.98
N CYS B 203 6.53 17.09 7.23
CA CYS B 203 7.49 17.82 6.42
C CYS B 203 8.23 18.76 7.37
N ASP B 204 9.17 19.56 6.83
CA ASP B 204 10.03 20.46 7.63
C ASP B 204 9.28 21.36 8.63
N GLU B 205 8.13 21.90 8.18
CA GLU B 205 7.20 22.79 8.89
C GLU B 205 6.16 22.04 9.74
N ASN B 206 5.96 20.73 9.46
CA ASN B 206 5.00 19.90 10.18
C ASN B 206 5.65 18.57 10.67
N PRO B 207 6.60 18.62 11.63
CA PRO B 207 7.26 17.38 12.07
C PRO B 207 6.35 16.26 12.58
N ASP B 208 5.17 16.62 13.11
CA ASP B 208 4.19 15.65 13.55
C ASP B 208 2.90 15.87 12.80
N ALA B 209 2.43 14.80 12.15
CA ALA B 209 1.15 14.79 11.44
C ALA B 209 0.04 15.07 12.46
N THR B 210 -0.98 15.83 12.08
CA THR B 210 -2.11 16.08 12.97
C THR B 210 -3.37 15.61 12.27
N TYR B 211 -4.10 14.65 12.87
CA TYR B 211 -5.36 14.25 12.26
C TYR B 211 -6.46 14.98 13.00
N ASP B 212 -7.29 15.63 12.21
CA ASP B 212 -8.40 16.45 12.66
C ASP B 212 -9.60 16.09 11.80
N TYR B 213 -10.82 16.36 12.29
N TYR B 213 -10.84 16.35 12.28
CA TYR B 213 -12.07 16.14 11.56
CA TYR B 213 -12.08 16.11 11.52
C TYR B 213 -12.09 16.90 10.22
C TYR B 213 -12.03 16.86 10.18
N ARG B 214 -11.41 18.06 10.17
CA ARG B 214 -11.32 18.90 8.96
C ARG B 214 -10.43 18.32 7.88
N SER B 215 -9.58 17.33 8.21
CA SER B 215 -8.74 16.63 7.21
C SER B 215 -9.66 15.91 6.21
N ASP B 216 -10.85 15.44 6.65
CA ASP B 216 -11.84 14.79 5.78
C ASP B 216 -12.46 15.76 4.79
N LEU B 217 -12.55 17.05 5.19
CA LEU B 217 -13.14 18.11 4.36
C LEU B 217 -12.21 18.46 3.20
N TRP B 218 -10.88 18.48 3.45
CA TRP B 218 -9.89 18.64 2.38
C TRP B 218 -10.06 17.45 1.41
N SER B 219 -10.10 16.21 1.93
CA SER B 219 -10.25 14.99 1.12
C SER B 219 -11.53 15.00 0.29
N CYS B 220 -12.65 15.55 0.86
CA CYS B 220 -13.93 15.76 0.18
C CYS B 220 -13.75 16.72 -1.01
N GLY B 221 -12.93 17.77 -0.84
CA GLY B 221 -12.62 18.70 -1.90
C GLY B 221 -11.85 18.09 -3.05
N ILE B 222 -10.86 17.25 -2.71
CA ILE B 222 -10.08 16.48 -3.69
C ILE B 222 -11.02 15.48 -4.43
N THR B 223 -11.97 14.87 -3.68
CA THR B 223 -12.94 13.92 -4.26
C THR B 223 -13.84 14.63 -5.26
N ALA B 224 -14.18 15.93 -5.03
CA ALA B 224 -15.01 16.70 -5.94
C ALA B 224 -14.23 17.03 -7.21
N ILE B 225 -12.90 17.26 -7.08
CA ILE B 225 -12.03 17.48 -8.23
C ILE B 225 -11.96 16.16 -9.05
N GLU B 226 -11.81 15.03 -8.34
CA GLU B 226 -11.77 13.68 -8.91
C GLU B 226 -13.03 13.40 -9.75
N MET B 227 -14.23 13.83 -9.28
CA MET B 227 -15.50 13.68 -10.00
C MET B 227 -15.55 14.58 -11.24
N ALA B 228 -14.94 15.77 -11.12
CA ALA B 228 -14.91 16.76 -12.20
C ALA B 228 -13.90 16.44 -13.30
N GLU B 229 -12.76 15.83 -12.94
CA GLU B 229 -11.66 15.58 -13.87
C GLU B 229 -11.33 14.12 -14.09
N GLY B 230 -11.86 13.24 -13.25
CA GLY B 230 -11.61 11.80 -13.36
C GLY B 230 -10.40 11.31 -12.59
N ALA B 231 -9.65 12.23 -11.98
CA ALA B 231 -8.44 11.93 -11.22
C ALA B 231 -8.16 13.09 -10.24
N PRO B 232 -7.48 12.81 -9.11
CA PRO B 232 -7.16 13.89 -8.16
C PRO B 232 -6.06 14.79 -8.73
N PRO B 233 -5.86 16.03 -8.21
CA PRO B 233 -4.72 16.84 -8.68
C PRO B 233 -3.41 16.10 -8.38
N LEU B 234 -2.35 16.39 -9.17
CA LEU B 234 -1.04 15.78 -9.04
C LEU B 234 -1.00 14.28 -9.37
N CYS B 235 -2.06 13.75 -10.03
CA CYS B 235 -2.19 12.34 -10.45
C CYS B 235 -1.01 11.89 -11.34
N ASP B 236 -0.45 12.84 -12.10
CA ASP B 236 0.68 12.63 -13.03
C ASP B 236 2.03 12.66 -12.36
N MET B 237 2.07 12.91 -11.05
CA MET B 237 3.33 12.96 -10.31
C MET B 237 3.58 11.60 -9.71
N HIS B 238 4.87 11.29 -9.45
CA HIS B 238 5.28 10.11 -8.70
C HIS B 238 4.67 10.35 -7.27
N PRO B 239 4.06 9.34 -6.63
CA PRO B 239 3.44 9.59 -5.31
C PRO B 239 4.32 10.29 -4.28
N MET B 240 5.64 9.97 -4.28
CA MET B 240 6.62 10.58 -3.37
C MET B 240 6.78 12.07 -3.66
N ARG B 241 6.73 12.44 -4.94
CA ARG B 241 6.80 13.83 -5.41
C ARG B 241 5.51 14.59 -4.99
N ALA B 242 4.34 13.98 -5.21
CA ALA B 242 3.06 14.57 -4.81
C ALA B 242 3.01 14.78 -3.28
N LEU B 243 3.59 13.85 -2.47
CA LEU B 243 3.69 13.93 -1.00
C LEU B 243 4.45 15.18 -0.60
N PHE B 244 5.56 15.48 -1.30
CA PHE B 244 6.37 16.68 -1.08
C PHE B 244 5.60 17.94 -1.53
N LEU B 245 4.86 17.85 -2.66
CA LEU B 245 4.14 18.99 -3.21
C LEU B 245 2.87 19.43 -2.48
N ILE B 246 2.07 18.51 -1.95
CA ILE B 246 0.83 18.86 -1.23
C ILE B 246 0.99 19.96 -0.12
N PRO B 247 1.94 19.86 0.85
CA PRO B 247 2.04 20.91 1.87
C PRO B 247 2.61 22.23 1.37
N ARG B 248 3.33 22.21 0.26
CA ARG B 248 4.01 23.36 -0.34
C ARG B 248 3.21 24.13 -1.34
N ASN B 249 2.44 23.42 -2.16
CA ASN B 249 1.65 24.03 -3.21
C ASN B 249 0.48 24.84 -2.65
N PRO B 250 0.06 25.91 -3.35
CA PRO B 250 -1.17 26.63 -2.94
C PRO B 250 -2.35 25.66 -3.09
N PRO B 251 -3.58 25.96 -2.58
CA PRO B 251 -4.68 25.01 -2.76
C PRO B 251 -4.88 24.60 -4.23
N PRO B 252 -5.10 23.28 -4.51
CA PRO B 252 -5.39 22.85 -5.88
C PRO B 252 -6.65 23.52 -6.44
N ARG B 253 -6.72 23.62 -7.77
CA ARG B 253 -7.83 24.25 -8.48
C ARG B 253 -8.30 23.38 -9.63
N LEU B 254 -9.58 23.53 -10.03
CA LEU B 254 -10.13 22.89 -11.20
C LEU B 254 -9.40 23.47 -12.44
N LYS B 255 -8.99 22.60 -13.39
CA LYS B 255 -8.26 23.00 -14.60
C LYS B 255 -9.15 23.83 -15.54
N SER B 256 -10.38 23.35 -15.78
CA SER B 256 -11.33 23.99 -16.68
C SER B 256 -12.02 25.21 -16.10
N LYS B 257 -12.33 26.17 -16.98
CA LYS B 257 -13.01 27.41 -16.64
C LYS B 257 -14.52 27.31 -16.82
N LYS B 258 -15.00 26.15 -17.34
CA LYS B 258 -16.42 25.88 -17.61
C LYS B 258 -17.34 25.86 -16.38
N TRP B 259 -16.80 25.47 -15.21
CA TRP B 259 -17.56 25.32 -13.96
C TRP B 259 -18.22 26.59 -13.44
N SER B 260 -19.29 26.44 -12.65
CA SER B 260 -19.97 27.58 -12.05
C SER B 260 -19.10 28.22 -10.95
N LYS B 261 -19.40 29.48 -10.63
CA LYS B 261 -18.74 30.26 -9.59
C LYS B 261 -18.88 29.55 -8.24
N LYS B 262 -20.08 29.00 -7.98
CA LYS B 262 -20.42 28.24 -6.75
C LYS B 262 -19.55 26.98 -6.61
N PHE B 263 -19.25 26.30 -7.73
CA PHE B 263 -18.43 25.09 -7.69
C PHE B 263 -16.97 25.45 -7.35
N PHE B 264 -16.42 26.51 -8.01
CA PHE B 264 -15.07 27.01 -7.71
C PHE B 264 -14.97 27.41 -6.24
N SER B 265 -16.03 28.09 -5.72
CA SER B 265 -16.12 28.54 -4.33
C SER B 265 -16.16 27.39 -3.34
N PHE B 266 -16.88 26.29 -3.69
CA PHE B 266 -16.97 25.08 -2.87
C PHE B 266 -15.60 24.41 -2.71
N ILE B 267 -14.85 24.29 -3.83
CA ILE B 267 -13.51 23.70 -3.87
C ILE B 267 -12.58 24.49 -2.96
N GLU B 268 -12.60 25.82 -3.13
CA GLU B 268 -11.82 26.76 -2.35
C GLU B 268 -12.17 26.64 -0.84
N GLY B 269 -13.46 26.43 -0.59
CA GLY B 269 -14.01 26.22 0.74
C GLY B 269 -13.43 25.00 1.44
N CYS B 270 -13.30 23.86 0.70
CA CYS B 270 -12.73 22.61 1.23
C CYS B 270 -11.23 22.70 1.37
N LEU B 271 -10.63 23.25 0.33
CA LEU B 271 -9.20 23.27 0.20
C LEU B 271 -8.46 24.41 0.86
N VAL B 272 -8.84 24.74 2.10
CA VAL B 272 -8.11 25.77 2.85
C VAL B 272 -6.83 25.06 3.35
N LYS B 273 -5.65 25.58 2.96
CA LYS B 273 -4.36 24.99 3.29
C LYS B 273 -4.18 24.68 4.77
N ASN B 274 -4.38 25.68 5.64
CA ASN B 274 -4.27 25.54 7.09
C ASN B 274 -5.60 25.05 7.63
N TYR B 275 -5.62 23.83 8.20
CA TYR B 275 -6.83 23.21 8.73
C TYR B 275 -7.51 24.01 9.84
N MET B 276 -6.74 24.80 10.61
CA MET B 276 -7.25 25.66 11.69
C MET B 276 -8.24 26.71 11.14
N GLN B 277 -8.06 27.07 9.85
CA GLN B 277 -8.83 28.07 9.11
C GLN B 277 -9.77 27.44 8.08
N ARG B 278 -9.91 26.09 8.10
CA ARG B 278 -10.79 25.36 7.17
C ARG B 278 -12.20 25.29 7.81
N PRO B 279 -13.30 25.45 7.04
CA PRO B 279 -14.64 25.37 7.67
C PRO B 279 -14.96 23.95 8.19
N SER B 280 -15.98 23.86 9.06
CA SER B 280 -16.50 22.60 9.59
C SER B 280 -17.44 21.99 8.55
N THR B 281 -17.82 20.73 8.77
CA THR B 281 -18.73 19.99 7.90
C THR B 281 -20.07 20.71 7.86
N GLU B 282 -20.54 21.23 9.02
CA GLU B 282 -21.79 21.97 9.20
C GLU B 282 -21.75 23.25 8.36
N GLN B 283 -20.62 23.98 8.40
CA GLN B 283 -20.44 25.19 7.61
C GLN B 283 -20.46 24.89 6.10
N LEU B 284 -19.78 23.79 5.66
CA LEU B 284 -19.78 23.43 4.23
C LEU B 284 -21.12 22.92 3.72
N LEU B 285 -21.93 22.34 4.61
CA LEU B 285 -23.29 21.87 4.27
C LEU B 285 -24.22 23.06 3.95
N LYS B 286 -23.86 24.25 4.43
CA LYS B 286 -24.58 25.51 4.19
C LYS B 286 -24.01 26.27 2.98
N HIS B 287 -22.95 25.71 2.34
CA HIS B 287 -22.36 26.33 1.16
C HIS B 287 -23.37 26.28 0.02
N PRO B 288 -23.59 27.42 -0.70
CA PRO B 288 -24.59 27.44 -1.79
C PRO B 288 -24.55 26.28 -2.77
N PHE B 289 -23.32 25.79 -3.13
CA PHE B 289 -23.12 24.67 -4.06
C PHE B 289 -23.74 23.39 -3.51
N ILE B 290 -23.71 23.21 -2.19
CA ILE B 290 -24.26 22.03 -1.51
C ILE B 290 -25.74 22.27 -1.09
N ARG B 291 -26.01 23.41 -0.47
CA ARG B 291 -27.31 23.81 0.07
C ARG B 291 -28.40 23.96 -0.99
N ASP B 292 -28.09 24.60 -2.13
CA ASP B 292 -29.05 24.91 -3.20
C ASP B 292 -28.99 23.94 -4.37
N GLN B 293 -29.83 22.89 -4.30
CA GLN B 293 -29.87 21.88 -5.35
C GLN B 293 -31.30 21.74 -5.93
N PRO B 294 -31.68 22.64 -6.89
CA PRO B 294 -33.06 22.61 -7.42
C PRO B 294 -33.40 21.38 -8.26
N ASN B 295 -32.41 20.81 -8.96
CA ASN B 295 -32.57 19.62 -9.83
C ASN B 295 -32.28 18.28 -9.12
N GLU B 296 -32.35 18.27 -7.77
CA GLU B 296 -32.12 17.11 -6.89
C GLU B 296 -32.83 15.85 -7.36
N ARG B 297 -34.16 15.95 -7.58
CA ARG B 297 -35.04 14.85 -8.01
C ARG B 297 -34.55 14.19 -9.29
N GLN B 298 -34.32 14.99 -10.34
CA GLN B 298 -33.85 14.54 -11.64
C GLN B 298 -32.46 13.90 -11.56
N VAL B 299 -31.52 14.49 -10.77
CA VAL B 299 -30.15 13.98 -10.58
C VAL B 299 -30.19 12.53 -10.04
N ARG B 300 -30.97 12.29 -8.97
CA ARG B 300 -31.16 10.99 -8.34
C ARG B 300 -31.66 9.96 -9.38
N ILE B 301 -32.66 10.37 -10.20
CA ILE B 301 -33.25 9.57 -11.28
C ILE B 301 -32.19 9.28 -12.34
N GLN B 302 -31.41 10.32 -12.75
CA GLN B 302 -30.32 10.20 -13.74
C GLN B 302 -29.25 9.19 -13.27
N LEU B 303 -28.96 9.15 -11.94
CA LEU B 303 -27.99 8.23 -11.34
C LEU B 303 -28.52 6.79 -11.30
N LYS B 304 -29.84 6.63 -11.03
CA LYS B 304 -30.52 5.33 -11.01
C LYS B 304 -30.49 4.74 -12.44
N ASP B 305 -30.82 5.58 -13.45
CA ASP B 305 -30.79 5.24 -14.87
C ASP B 305 -29.37 4.87 -15.34
N HIS B 306 -28.33 5.53 -14.80
CA HIS B 306 -26.93 5.29 -15.15
C HIS B 306 -26.47 3.92 -14.64
N ILE B 307 -26.81 3.60 -13.37
CA ILE B 307 -26.48 2.32 -12.70
C ILE B 307 -27.11 1.16 -13.51
N ASP B 308 -28.38 1.32 -13.91
CA ASP B 308 -29.14 0.34 -14.70
C ASP B 308 -28.55 0.11 -16.10
N ARG B 309 -28.19 1.20 -16.80
CA ARG B 309 -27.57 1.14 -18.14
C ARG B 309 -26.20 0.47 -18.11
N THR B 310 -25.45 0.64 -17.00
CA THR B 310 -24.11 0.06 -16.79
C THR B 310 -24.22 -1.45 -16.44
N ARG B 311 -25.32 -1.83 -15.75
CA ARG B 311 -25.60 -3.22 -15.33
C ARG B 311 -25.77 -4.19 -16.52
N LYS B 312 -26.61 -3.79 -17.51
CA LYS B 312 -26.90 -4.59 -18.71
C LYS B 312 -25.79 -4.52 -19.74
#